data_4ZH8
#
_entry.id   4ZH8
#
_cell.length_a   56.663
_cell.length_b   72.781
_cell.length_c   80.454
_cell.angle_alpha   90.000
_cell.angle_beta   90.000
_cell.angle_gamma   90.000
#
_symmetry.space_group_name_H-M   'P 21 21 21'
#
loop_
_entity.id
_entity.type
_entity.pdbx_description
1 polymer 'Coagulation factor X'
2 polymer 'Coagulation factor X'
3 non-polymer 'CALCIUM ION'
4 non-polymer 6-chloro-N-{(3S)-1-[(2S)-1-(morpholin-4-yl)-1-oxopropan-2-yl]-2-oxo-2,3-dihydro-1H-pyrrol-3-yl}-N-(2-oxobutyl)naphthalene-2-sulfonamide
5 water water
#
loop_
_entity_poly.entity_id
_entity_poly.type
_entity_poly.pdbx_seq_one_letter_code
_entity_poly.pdbx_strand_id
1 'polypeptide(L)'
;IVGGQECKDGECPWQALLINEENEGFCGGTILSEFYILTAAHCLYQAKRFKVRVGDRNTEQEEGGEAVHEVEVVIKHNRF
TKETYDFDIAVLRLKTPITFRMNVAPACLPERDWAESTLMTQKTGIVSGFGRTHEKGRQSTRLKMLEVPYVDRNSCKLSS
SFIITQNMFCAGYDTKQEDACQGDSGGPHVTRFKDTYFVTGIVSWGEGCARKGKYGIYTKVTAFLKWIDRSMKTRGLPKA
KSHAPEVITSSPLK
;
A
2 'polypeptide(L)'
;EEMKKGHLERECMEETCSYEEAREVFEDSDKTNEFWNKYKDGDQCETSPCQNQGKCKDGLGEYTCTCLEGFEGKNCELFT
KLCSLDNGDCDQFCHEEQNSVVCSCARGYTLADNGKACIPTGPYPCGKQTLER
;
B
#
loop_
_chem_comp.id
_chem_comp.type
_chem_comp.name
_chem_comp.formula
4O4 non-polymer 6-chloro-N-{(3S)-1-[(2S)-1-(morpholin-4-yl)-1-oxopropan-2-yl]-2-oxo-2,3-dihydro-1H-pyrrol-3-yl}-N-(2-oxobutyl)naphthalene-2-sulfonamide 'C25 H28 Cl N3 O6 S'
CA non-polymer 'CALCIUM ION' 'Ca 2'
#
# COMPACT_ATOMS: atom_id res chain seq x y z
N ILE A 1 -4.76 -13.38 -1.63
CA ILE A 1 -3.90 -13.32 -2.86
C ILE A 1 -4.07 -14.63 -3.63
N VAL A 2 -4.47 -14.53 -4.89
CA VAL A 2 -4.61 -15.67 -5.78
C VAL A 2 -3.32 -15.71 -6.61
N GLY A 3 -2.64 -16.85 -6.59
CA GLY A 3 -1.35 -16.96 -7.26
C GLY A 3 -0.31 -16.34 -6.37
N GLY A 4 0.77 -15.83 -6.95
CA GLY A 4 1.80 -15.17 -6.16
C GLY A 4 2.74 -16.09 -5.39
N GLN A 5 3.34 -15.53 -4.33
CA GLN A 5 4.38 -16.21 -3.55
C GLN A 5 4.36 -15.73 -2.10
N GLU A 6 5.12 -16.42 -1.25
CA GLU A 6 5.28 -16.00 0.15
C GLU A 6 6.21 -14.79 0.26
N CYS A 7 5.93 -13.87 1.19
CA CYS A 7 6.90 -12.82 1.51
C CYS A 7 7.97 -13.50 2.35
N LYS A 8 9.23 -13.30 1.97
CA LYS A 8 10.36 -13.83 2.69
C LYS A 8 10.71 -12.87 3.82
N ASP A 9 11.56 -13.34 4.75
CA ASP A 9 11.95 -12.58 5.95
C ASP A 9 12.33 -11.13 5.65
N GLY A 10 11.62 -10.18 6.27
CA GLY A 10 11.88 -8.74 6.12
C GLY A 10 11.47 -8.07 4.81
N GLU A 11 10.82 -8.81 3.91
CA GLU A 11 10.47 -8.26 2.59
C GLU A 11 9.16 -7.47 2.47
N CYS A 12 8.25 -7.66 3.42
CA CYS A 12 6.95 -7.00 3.43
C CYS A 12 6.69 -6.37 4.81
N PRO A 13 7.63 -5.55 5.30
CA PRO A 13 7.55 -5.12 6.71
C PRO A 13 6.47 -4.08 7.05
N TRP A 14 5.89 -3.47 6.01
CA TRP A 14 4.82 -2.46 6.14
C TRP A 14 3.42 -3.08 6.17
N GLN A 15 3.34 -4.41 6.08
CA GLN A 15 2.05 -5.09 6.13
C GLN A 15 1.41 -5.03 7.54
N ALA A 16 0.13 -4.70 7.58
CA ALA A 16 -0.66 -4.70 8.80
C ALA A 16 -1.89 -5.56 8.55
N LEU A 17 -2.45 -6.15 9.60
CA LEU A 17 -3.65 -7.00 9.50
C LEU A 17 -4.69 -6.53 10.52
N LEU A 18 -5.93 -6.33 10.08
CA LEU A 18 -7.01 -5.92 10.98
C LEU A 18 -7.65 -7.21 11.48
N ILE A 19 -7.67 -7.38 12.81
CA ILE A 19 -8.17 -8.61 13.43
C ILE A 19 -9.40 -8.37 14.31
N ASN A 20 -10.35 -9.30 14.27
CA ASN A 20 -11.58 -9.18 15.05
C ASN A 20 -11.44 -9.72 16.47
N GLU A 21 -12.55 -9.75 17.20
CA GLU A 21 -12.61 -10.25 18.57
C GLU A 21 -12.07 -11.68 18.72
N GLU A 22 -12.12 -12.45 17.64
CA GLU A 22 -11.67 -13.85 17.61
C GLU A 22 -10.22 -14.03 17.15
N ASN A 23 -9.51 -12.92 16.95
CA ASN A 23 -8.13 -12.93 16.45
C ASN A 23 -8.02 -13.37 14.99
N GLU A 24 -9.13 -13.29 14.26
CA GLU A 24 -9.16 -13.62 12.84
C GLU A 24 -9.01 -12.35 12.01
N GLY A 25 -8.15 -12.38 11.00
CA GLY A 25 -7.98 -11.26 10.08
C GLY A 25 -9.17 -11.12 9.14
N PHE A 26 -9.53 -9.87 8.83
CA PHE A 26 -10.63 -9.60 7.88
C PHE A 26 -10.27 -8.56 6.80
N CYS A 27 -9.20 -7.82 7.03
CA CYS A 27 -8.71 -6.82 6.07
C CYS A 27 -7.22 -6.55 6.31
N GLY A 28 -6.58 -5.90 5.33
CA GLY A 28 -5.16 -5.52 5.42
C GLY A 28 -5.04 -4.04 5.74
N GLY A 29 -3.80 -3.57 5.90
CA GLY A 29 -3.48 -2.17 6.15
C GLY A 29 -2.00 -1.96 5.80
N THR A 30 -1.57 -0.70 5.71
CA THR A 30 -0.16 -0.37 5.44
C THR A 30 0.37 0.51 6.57
N ILE A 31 1.52 0.17 7.15
CA ILE A 31 2.15 1.01 8.19
C ILE A 31 2.72 2.29 7.54
N LEU A 32 2.26 3.46 8.01
CA LEU A 32 2.76 4.76 7.50
C LEU A 32 3.74 5.46 8.44
N SER A 33 3.60 5.21 9.73
CA SER A 33 4.49 5.81 10.75
C SER A 33 4.25 5.05 12.05
N GLU A 34 4.94 5.44 13.13
CA GLU A 34 4.78 4.74 14.41
C GLU A 34 3.34 4.78 14.97
N PHE A 35 2.59 5.84 14.64
CA PHE A 35 1.20 5.96 15.11
C PHE A 35 0.07 5.72 14.09
N TYR A 36 0.39 5.66 12.78
CA TYR A 36 -0.66 5.57 11.75
C TYR A 36 -0.64 4.39 10.75
N ILE A 37 -1.84 3.85 10.50
CA ILE A 37 -2.09 2.77 9.54
C ILE A 37 -3.04 3.24 8.42
N LEU A 38 -2.70 2.92 7.16
CA LEU A 38 -3.56 3.19 6.01
C LEU A 38 -4.42 1.97 5.69
N THR A 39 -5.72 2.19 5.44
CA THR A 39 -6.64 1.08 5.09
C THR A 39 -7.82 1.55 4.20
N ALA A 40 -8.73 0.63 3.86
CA ALA A 40 -9.93 0.95 3.08
C ALA A 40 -11.10 1.31 3.99
N ALA A 41 -11.83 2.37 3.64
CA ALA A 41 -12.99 2.80 4.40
C ALA A 41 -14.07 1.71 4.49
N HIS A 42 -14.22 0.92 3.42
CA HIS A 42 -15.25 -0.14 3.40
C HIS A 42 -14.98 -1.27 4.41
N CYS A 43 -13.72 -1.41 4.84
CA CYS A 43 -13.35 -2.42 5.85
C CYS A 43 -13.93 -2.11 7.22
N LEU A 44 -14.33 -0.86 7.43
CA LEU A 44 -14.86 -0.42 8.72
C LEU A 44 -16.27 -0.92 9.04
N TYR A 45 -16.94 -1.49 8.04
CA TYR A 45 -18.27 -2.08 8.22
C TYR A 45 -18.19 -3.60 8.31
N GLN A 46 -17.02 -4.13 8.67
CA GLN A 46 -16.82 -5.58 8.73
C GLN A 46 -16.58 -6.15 10.13
N ALA A 47 -16.46 -5.27 11.13
CA ALA A 47 -16.27 -5.66 12.53
C ALA A 47 -16.59 -4.50 13.46
N LYS A 48 -17.25 -4.83 14.56
CA LYS A 48 -17.60 -3.83 15.58
C LYS A 48 -16.35 -3.34 16.34
N ARG A 49 -15.61 -4.28 16.89
CA ARG A 49 -14.36 -3.98 17.59
C ARG A 49 -13.24 -4.75 16.91
N PHE A 50 -12.14 -4.06 16.64
CA PHE A 50 -10.99 -4.71 16.00
C PHE A 50 -9.67 -4.09 16.47
N LYS A 51 -8.58 -4.84 16.28
CA LYS A 51 -7.24 -4.38 16.60
C LYS A 51 -6.35 -4.53 15.36
N VAL A 52 -5.10 -4.08 15.45
CA VAL A 52 -4.14 -4.18 14.34
C VAL A 52 -2.93 -5.03 14.74
N ARG A 53 -2.54 -5.98 13.89
CA ARG A 53 -1.34 -6.80 14.13
C ARG A 53 -0.30 -6.53 13.05
N VAL A 54 0.96 -6.40 13.50
CA VAL A 54 2.10 -6.16 12.61
C VAL A 54 3.22 -7.18 12.95
N GLY A 55 4.18 -7.31 12.03
CA GLY A 55 5.34 -8.19 12.18
C GLY A 55 5.03 -9.69 12.15
N ASP A 56 4.03 -10.05 11.37
CA ASP A 56 3.57 -11.43 11.29
C ASP A 56 3.69 -11.94 9.85
N ARG A 57 4.24 -13.14 9.69
CA ARG A 57 4.34 -13.80 8.36
C ARG A 57 3.61 -15.15 8.32
N ASN A 58 3.45 -15.76 9.50
CA ASN A 58 2.79 -17.07 9.64
C ASN A 58 1.83 -17.04 10.83
N THR A 59 0.52 -17.10 10.56
CA THR A 59 -0.47 -17.02 11.64
C THR A 59 -0.55 -18.29 12.51
N GLU A 60 0.19 -19.34 12.12
CA GLU A 60 0.17 -20.59 12.87
C GLU A 60 1.33 -20.81 13.83
N GLN A 61 2.34 -19.94 13.80
CA GLN A 61 3.50 -20.09 14.71
C GLN A 61 4.07 -18.75 15.21
N GLU A 62 4.59 -18.74 16.43
CA GLU A 62 5.23 -17.56 17.02
C GLU A 62 6.63 -17.40 16.43
N GLU A 63 6.86 -16.28 15.76
CA GLU A 63 8.13 -16.02 15.08
C GLU A 63 9.08 -15.10 15.88
N GLY A 64 8.51 -14.24 16.70
CA GLY A 64 9.31 -13.35 17.56
C GLY A 64 9.14 -11.85 17.35
N GLY A 65 8.48 -11.47 16.26
CA GLY A 65 8.29 -10.05 15.95
C GLY A 65 6.87 -9.54 15.99
N GLU A 66 5.91 -10.41 16.33
CA GLU A 66 4.49 -10.05 16.36
C GLU A 66 4.14 -9.02 17.43
N ALA A 67 3.30 -8.06 17.08
CA ALA A 67 2.80 -7.04 18.03
C ALA A 67 1.38 -6.62 17.67
N VAL A 68 0.52 -6.61 18.69
CA VAL A 68 -0.87 -6.20 18.56
C VAL A 68 -1.02 -4.77 19.12
N HIS A 69 -1.75 -3.94 18.39
CA HIS A 69 -2.00 -2.56 18.78
C HIS A 69 -3.48 -2.23 18.77
N GLU A 70 -3.93 -1.50 19.80
CA GLU A 70 -5.31 -1.00 19.89
C GLU A 70 -5.46 0.31 19.13
N VAL A 71 -6.65 0.56 18.60
CA VAL A 71 -6.93 1.74 17.80
C VAL A 71 -7.56 2.86 18.65
N GLU A 72 -6.95 4.04 18.59
CA GLU A 72 -7.43 5.21 19.35
C GLU A 72 -8.47 6.03 18.58
N VAL A 73 -8.16 6.35 17.32
CA VAL A 73 -9.03 7.16 16.46
C VAL A 73 -9.18 6.51 15.07
N VAL A 74 -10.40 6.48 14.55
CA VAL A 74 -10.68 6.02 13.18
C VAL A 74 -11.08 7.25 12.35
N ILE A 75 -10.30 7.55 11.31
CA ILE A 75 -10.57 8.68 10.42
C ILE A 75 -10.94 8.18 9.01
N LYS A 76 -12.23 8.17 8.72
CA LYS A 76 -12.76 7.72 7.44
C LYS A 76 -13.10 8.93 6.55
N HIS A 77 -12.85 8.80 5.24
CA HIS A 77 -13.13 9.91 4.32
C HIS A 77 -14.64 10.16 4.32
N ASN A 78 -15.04 11.41 4.55
CA ASN A 78 -16.47 11.75 4.59
C ASN A 78 -17.26 11.61 3.27
N ARG A 79 -16.54 11.52 2.16
CA ARG A 79 -17.18 11.33 0.85
C ARG A 79 -17.23 9.85 0.39
N PHE A 80 -16.85 8.92 1.29
CA PHE A 80 -16.95 7.50 0.96
C PHE A 80 -18.41 7.14 0.71
N THR A 81 -18.64 6.32 -0.32
CA THR A 81 -19.99 5.85 -0.66
C THR A 81 -20.00 4.34 -0.99
N LYS A 82 -20.82 3.59 -0.27
CA LYS A 82 -20.93 2.14 -0.46
C LYS A 82 -21.47 1.74 -1.83
N GLU A 83 -22.14 2.68 -2.51
CA GLU A 83 -22.76 2.44 -3.82
C GLU A 83 -21.74 2.12 -4.91
N THR A 84 -20.64 2.87 -4.91
CA THR A 84 -19.59 2.78 -5.93
C THR A 84 -18.21 2.50 -5.35
N TYR A 85 -18.07 2.62 -4.03
CA TYR A 85 -16.77 2.49 -3.35
C TYR A 85 -15.81 3.64 -3.70
N ASP A 86 -16.37 4.77 -4.12
CA ASP A 86 -15.58 6.00 -4.38
C ASP A 86 -15.07 6.47 -3.00
N PHE A 87 -13.89 7.11 -2.98
CA PHE A 87 -13.25 7.58 -1.74
C PHE A 87 -13.08 6.44 -0.70
N ASP A 88 -12.64 5.27 -1.16
CA ASP A 88 -12.46 4.10 -0.26
C ASP A 88 -11.10 4.19 0.46
N ILE A 89 -11.05 5.06 1.47
CA ILE A 89 -9.82 5.32 2.21
C ILE A 89 -10.08 5.77 3.64
N ALA A 90 -9.26 5.26 4.55
CA ALA A 90 -9.31 5.58 5.96
C ALA A 90 -7.90 5.49 6.58
N VAL A 91 -7.69 6.24 7.66
CA VAL A 91 -6.46 6.19 8.44
C VAL A 91 -6.82 5.89 9.90
N LEU A 92 -6.02 5.04 10.55
CA LEU A 92 -6.21 4.66 11.95
C LEU A 92 -5.06 5.18 12.78
N ARG A 93 -5.36 5.85 13.89
CA ARG A 93 -4.30 6.25 14.83
C ARG A 93 -4.30 5.24 15.97
N LEU A 94 -3.12 4.71 16.28
CA LEU A 94 -3.00 3.70 17.35
C LEU A 94 -2.81 4.33 18.74
N LYS A 95 -3.23 3.59 19.77
CA LYS A 95 -3.08 4.02 21.16
C LYS A 95 -1.62 4.05 21.61
N THR A 96 -0.85 3.05 21.17
CA THR A 96 0.60 2.95 21.50
C THR A 96 1.43 2.96 20.21
N PRO A 97 2.66 3.53 20.26
CA PRO A 97 3.48 3.58 19.03
C PRO A 97 4.10 2.24 18.63
N ILE A 98 4.21 2.00 17.33
CA ILE A 98 4.80 0.76 16.79
C ILE A 98 6.31 0.80 16.97
N THR A 99 6.88 -0.25 17.56
CA THR A 99 8.34 -0.33 17.73
C THR A 99 8.93 -1.04 16.49
N PHE A 100 9.60 -0.27 15.63
CA PHE A 100 10.18 -0.83 14.41
C PHE A 100 11.30 -1.83 14.72
N ARG A 101 11.41 -2.85 13.87
CA ARG A 101 12.34 -3.98 14.03
C ARG A 101 12.25 -4.83 12.77
N MET A 102 12.94 -5.98 12.77
CA MET A 102 12.85 -6.93 11.67
C MET A 102 11.37 -7.21 11.41
N ASN A 103 10.95 -7.13 10.15
CA ASN A 103 9.57 -7.33 9.71
C ASN A 103 8.55 -6.24 10.15
N VAL A 104 9.02 -5.13 10.69
CA VAL A 104 8.13 -4.04 11.15
C VAL A 104 8.75 -2.69 10.77
N ALA A 105 8.26 -2.08 9.68
CA ALA A 105 8.78 -0.80 9.19
C ALA A 105 7.76 -0.10 8.27
N PRO A 106 7.83 1.24 8.17
CA PRO A 106 6.84 1.91 7.32
C PRO A 106 7.22 1.97 5.84
N ALA A 107 6.21 2.08 4.97
CA ALA A 107 6.41 2.32 3.55
C ALA A 107 6.45 3.85 3.37
N CYS A 108 7.12 4.35 2.32
CA CYS A 108 7.20 5.82 2.12
C CYS A 108 6.00 6.41 1.38
N LEU A 109 5.58 7.61 1.77
CA LEU A 109 4.55 8.32 1.04
C LEU A 109 5.30 9.16 -0.01
N PRO A 110 4.89 9.06 -1.30
CA PRO A 110 5.55 9.82 -2.37
C PRO A 110 4.91 11.19 -2.58
N GLU A 111 5.53 12.05 -3.40
CA GLU A 111 4.90 13.32 -3.80
C GLU A 111 4.02 13.02 -5.02
N ARG A 112 2.86 13.69 -5.11
CA ARG A 112 1.90 13.39 -6.20
C ARG A 112 2.40 13.44 -7.65
N ASP A 113 2.94 14.57 -8.09
CA ASP A 113 3.34 14.73 -9.49
C ASP A 113 4.41 13.70 -9.92
N TRP A 114 5.45 13.53 -9.09
CA TRP A 114 6.50 12.55 -9.36
C TRP A 114 5.98 11.11 -9.36
N ALA A 115 5.10 10.78 -8.40
CA ALA A 115 4.54 9.42 -8.34
C ALA A 115 3.67 9.08 -9.56
N GLU A 116 2.91 10.06 -10.04
CA GLU A 116 2.04 9.84 -11.20
C GLU A 116 2.84 9.73 -12.51
N SER A 117 3.92 10.51 -12.62
CA SER A 117 4.77 10.51 -13.82
C SER A 117 5.84 9.41 -13.87
N THR A 118 6.36 9.03 -12.71
CA THR A 118 7.49 8.09 -12.63
C THR A 118 7.16 6.72 -12.01
N LEU A 119 6.43 6.68 -10.89
CA LEU A 119 6.10 5.40 -10.28
C LEU A 119 4.99 4.66 -11.02
N MET A 120 3.90 5.37 -11.31
CA MET A 120 2.73 4.76 -11.94
C MET A 120 2.93 4.44 -13.43
N THR A 121 4.07 4.84 -13.98
CA THR A 121 4.43 4.47 -15.37
C THR A 121 5.44 3.32 -15.45
N GLN A 122 5.85 2.80 -14.29
CA GLN A 122 6.71 1.59 -14.25
C GLN A 122 5.84 0.45 -14.75
N LYS A 123 6.45 -0.69 -15.07
CA LYS A 123 5.68 -1.81 -15.58
C LYS A 123 4.77 -2.46 -14.53
N THR A 124 5.26 -2.56 -13.30
CA THR A 124 4.52 -3.25 -12.22
C THR A 124 4.56 -2.60 -10.84
N GLY A 125 3.64 -3.04 -9.99
CA GLY A 125 3.55 -2.68 -8.56
C GLY A 125 3.45 -3.98 -7.79
N ILE A 126 3.40 -3.92 -6.46
CA ILE A 126 3.34 -5.13 -5.62
C ILE A 126 2.18 -5.08 -4.63
N VAL A 127 1.32 -6.11 -4.66
CA VAL A 127 0.21 -6.21 -3.72
C VAL A 127 0.50 -7.36 -2.74
N SER A 128 0.06 -7.22 -1.48
CA SER A 128 0.30 -8.27 -0.46
C SER A 128 -0.89 -8.45 0.51
N GLY A 129 -0.93 -9.59 1.20
CA GLY A 129 -2.00 -9.84 2.18
C GLY A 129 -2.15 -11.29 2.61
N PHE A 130 -3.07 -11.50 3.56
CA PHE A 130 -3.44 -12.82 4.11
C PHE A 130 -4.83 -13.24 3.61
N GLY A 131 -5.28 -12.66 2.50
CA GLY A 131 -6.60 -12.94 1.94
C GLY A 131 -6.78 -14.29 1.26
N ARG A 132 -8.01 -14.55 0.83
CA ARG A 132 -8.36 -15.80 0.16
C ARG A 132 -7.41 -16.12 -1.00
N THR A 133 -7.05 -17.40 -1.09
CA THR A 133 -6.17 -17.89 -2.15
C THR A 133 -6.98 -18.33 -3.41
N HIS A 134 -8.31 -18.38 -3.26
CA HIS A 134 -9.24 -18.67 -4.35
C HIS A 134 -10.51 -17.87 -4.09
N GLU A 135 -11.21 -17.46 -5.15
CA GLU A 135 -12.43 -16.66 -5.00
C GLU A 135 -13.41 -17.18 -3.94
N LYS A 136 -13.65 -18.49 -3.95
CA LYS A 136 -14.60 -19.12 -3.02
C LYS A 136 -13.88 -19.90 -1.91
N GLY A 137 -12.57 -19.72 -1.80
CA GLY A 137 -11.74 -20.47 -0.85
C GLY A 137 -11.49 -19.84 0.51
N ARG A 138 -10.47 -20.35 1.20
CA ARG A 138 -10.11 -19.86 2.54
C ARG A 138 -8.91 -18.91 2.53
N GLN A 139 -8.79 -18.17 3.63
CA GLN A 139 -7.70 -17.22 3.80
C GLN A 139 -6.38 -17.93 4.05
N SER A 140 -5.30 -17.27 3.64
CA SER A 140 -3.96 -17.84 3.75
C SER A 140 -3.39 -17.67 5.16
N THR A 141 -2.69 -18.70 5.65
CA THR A 141 -2.01 -18.63 6.94
C THR A 141 -0.65 -17.97 6.78
N ARG A 142 -0.17 -17.88 5.52
CA ARG A 142 1.12 -17.28 5.18
C ARG A 142 0.90 -15.94 4.50
N LEU A 143 1.75 -14.97 4.81
CA LEU A 143 1.69 -13.67 4.15
C LEU A 143 2.23 -13.82 2.73
N LYS A 144 1.42 -13.42 1.75
CA LYS A 144 1.76 -13.54 0.35
C LYS A 144 1.92 -12.17 -0.32
N MET A 145 2.69 -12.15 -1.41
CA MET A 145 2.90 -10.96 -2.25
C MET A 145 2.79 -11.36 -3.72
N LEU A 146 2.49 -10.38 -4.57
CA LEU A 146 2.27 -10.62 -5.98
C LEU A 146 2.58 -9.38 -6.80
N GLU A 147 3.37 -9.56 -7.85
CA GLU A 147 3.71 -8.51 -8.78
C GLU A 147 2.53 -8.34 -9.75
N VAL A 148 1.99 -7.12 -9.84
CA VAL A 148 0.83 -6.84 -10.70
C VAL A 148 1.10 -5.69 -11.69
N PRO A 149 0.96 -5.96 -13.00
CA PRO A 149 1.18 -4.91 -13.98
C PRO A 149 0.18 -3.77 -13.88
N TYR A 150 0.64 -2.53 -14.11
CA TYR A 150 -0.29 -1.41 -14.23
C TYR A 150 -1.07 -1.64 -15.54
N VAL A 151 -2.38 -1.39 -15.49
CA VAL A 151 -3.28 -1.64 -16.62
C VAL A 151 -3.79 -0.34 -17.25
N ASP A 152 -3.74 -0.26 -18.57
CA ASP A 152 -4.22 0.90 -19.33
C ASP A 152 -5.63 1.29 -18.89
N ARG A 153 -5.81 2.57 -18.61
CA ARG A 153 -7.05 3.09 -18.06
C ARG A 153 -8.30 2.87 -18.94
N ASN A 154 -8.16 3.11 -20.25
CA ASN A 154 -9.27 2.91 -21.18
C ASN A 154 -9.68 1.43 -21.27
N SER A 155 -8.69 0.54 -21.28
CA SER A 155 -8.94 -0.91 -21.31
C SER A 155 -9.72 -1.35 -20.06
N CYS A 156 -9.31 -0.82 -18.91
CA CYS A 156 -9.98 -1.17 -17.66
C CYS A 156 -11.43 -0.71 -17.64
N LYS A 157 -11.70 0.53 -18.08
CA LYS A 157 -13.08 1.05 -18.10
C LYS A 157 -13.99 0.21 -18.99
N LEU A 158 -13.46 -0.23 -20.13
CA LEU A 158 -14.21 -1.06 -21.08
C LEU A 158 -14.61 -2.42 -20.52
N SER A 159 -13.75 -2.97 -19.67
CA SER A 159 -13.95 -4.31 -19.09
C SER A 159 -14.86 -4.34 -17.86
N SER A 160 -15.13 -3.16 -17.30
CA SER A 160 -15.84 -3.04 -16.03
C SER A 160 -17.35 -2.80 -16.10
N SER A 161 -18.08 -3.53 -15.26
CA SER A 161 -19.54 -3.42 -15.11
C SER A 161 -19.90 -2.35 -14.08
N PHE A 162 -18.90 -1.86 -13.35
CA PHE A 162 -19.08 -0.82 -12.33
C PHE A 162 -18.22 0.37 -12.70
N ILE A 163 -18.66 1.57 -12.31
CA ILE A 163 -17.94 2.81 -12.62
C ILE A 163 -16.52 2.86 -12.01
N ILE A 164 -15.57 3.37 -12.80
CA ILE A 164 -14.18 3.58 -12.36
C ILE A 164 -14.00 5.09 -12.23
N THR A 165 -14.01 5.58 -10.99
CA THR A 165 -13.91 7.01 -10.74
C THR A 165 -12.47 7.54 -10.82
N GLN A 166 -12.33 8.85 -10.75
CA GLN A 166 -11.02 9.50 -10.78
C GLN A 166 -10.15 9.06 -9.58
N ASN A 167 -10.79 8.43 -8.59
CA ASN A 167 -10.13 8.01 -7.35
C ASN A 167 -9.72 6.55 -7.31
N MET A 168 -9.69 5.92 -8.48
CA MET A 168 -9.35 4.51 -8.66
C MET A 168 -8.39 4.29 -9.84
N PHE A 169 -7.65 3.18 -9.77
CA PHE A 169 -6.82 2.74 -10.91
C PHE A 169 -6.85 1.22 -10.95
N CYS A 170 -6.45 0.66 -12.09
CA CYS A 170 -6.51 -0.78 -12.29
C CYS A 170 -5.13 -1.44 -12.42
N ALA A 171 -5.02 -2.65 -11.88
CA ALA A 171 -3.78 -3.42 -11.96
C ALA A 171 -4.11 -4.91 -11.98
N GLY A 172 -3.25 -5.70 -12.62
CA GLY A 172 -3.44 -7.14 -12.68
C GLY A 172 -3.32 -7.72 -14.08
N TYR A 173 -4.06 -8.80 -14.32
CA TYR A 173 -4.03 -9.52 -15.60
C TYR A 173 -5.40 -9.77 -16.18
N ASP A 174 -5.46 -9.82 -17.50
CA ASP A 174 -6.70 -10.14 -18.23
C ASP A 174 -7.12 -11.58 -17.97
N THR A 175 -6.26 -12.53 -18.38
CA THR A 175 -6.59 -13.97 -18.26
C THR A 175 -5.76 -14.78 -17.26
N LYS A 176 -4.50 -14.37 -17.03
CA LYS A 176 -3.63 -15.07 -16.07
C LYS A 176 -4.33 -15.10 -14.71
N GLN A 177 -4.30 -16.25 -14.06
CA GLN A 177 -5.05 -16.45 -12.80
C GLN A 177 -4.34 -15.93 -11.53
N GLU A 178 -4.10 -14.61 -11.49
CA GLU A 178 -3.43 -13.94 -10.37
C GLU A 178 -4.13 -12.60 -10.07
N ASP A 179 -4.34 -12.30 -8.79
CA ASP A 179 -5.08 -11.11 -8.36
C ASP A 179 -5.15 -11.07 -6.83
N ALA A 180 -5.63 -9.95 -6.28
CA ALA A 180 -5.92 -9.88 -4.86
C ALA A 180 -7.31 -10.52 -4.70
N CYS A 181 -7.75 -10.72 -3.44
CA CYS A 181 -9.05 -11.35 -3.20
C CYS A 181 -9.62 -10.92 -1.85
N GLN A 182 -10.77 -11.51 -1.47
CA GLN A 182 -11.42 -11.19 -0.19
C GLN A 182 -10.42 -11.34 0.97
N GLY A 183 -10.43 -10.38 1.90
CA GLY A 183 -9.50 -10.39 3.02
C GLY A 183 -8.22 -9.59 2.77
N ASP A 184 -7.94 -9.30 1.50
CA ASP A 184 -6.76 -8.50 1.13
C ASP A 184 -7.10 -7.00 1.15
N SER A 185 -8.39 -6.68 1.02
CA SER A 185 -8.88 -5.30 1.04
C SER A 185 -8.22 -4.47 2.14
N GLY A 186 -7.82 -3.24 1.80
CA GLY A 186 -7.19 -2.33 2.74
C GLY A 186 -5.67 -2.45 2.77
N GLY A 187 -5.16 -3.56 2.23
CA GLY A 187 -3.72 -3.85 2.20
C GLY A 187 -2.90 -2.96 1.27
N PRO A 188 -1.57 -3.16 1.27
CA PRO A 188 -0.72 -2.30 0.45
C PRO A 188 -0.55 -2.67 -1.02
N HIS A 189 -0.49 -1.64 -1.85
CA HIS A 189 -0.01 -1.72 -3.24
C HIS A 189 1.18 -0.76 -3.22
N VAL A 190 2.40 -1.28 -3.40
CA VAL A 190 3.63 -0.46 -3.39
C VAL A 190 4.40 -0.54 -4.72
N THR A 191 5.16 0.52 -5.02
CA THR A 191 5.98 0.56 -6.24
C THR A 191 7.43 0.81 -5.82
N ARG A 192 8.33 0.00 -6.37
CA ARG A 192 9.75 0.07 -6.08
C ARG A 192 10.45 1.04 -7.03
N PHE A 193 11.36 1.84 -6.46
CA PHE A 193 12.19 2.74 -7.25
C PHE A 193 13.55 2.82 -6.57
N LYS A 194 14.60 2.37 -7.27
CA LYS A 194 15.95 2.32 -6.69
C LYS A 194 15.97 1.74 -5.27
N ASP A 195 15.44 0.54 -5.12
CA ASP A 195 15.39 -0.18 -3.83
C ASP A 195 14.61 0.49 -2.67
N THR A 196 13.78 1.49 -2.98
CA THR A 196 12.91 2.12 -1.97
C THR A 196 11.45 1.90 -2.38
N TYR A 197 10.61 1.50 -1.42
CA TYR A 197 9.22 1.18 -1.71
C TYR A 197 8.25 2.30 -1.27
N PHE A 198 7.43 2.77 -2.21
CA PHE A 198 6.46 3.84 -2.00
C PHE A 198 5.02 3.34 -2.13
N VAL A 199 4.15 3.78 -1.23
N VAL A 199 4.15 3.81 -1.24
CA VAL A 199 2.75 3.36 -1.31
CA VAL A 199 2.73 3.46 -1.29
C VAL A 199 2.08 4.06 -2.49
C VAL A 199 2.10 4.10 -2.53
N THR A 200 1.50 3.27 -3.37
CA THR A 200 0.84 3.76 -4.60
C THR A 200 -0.65 3.43 -4.69
N GLY A 201 -1.11 2.48 -3.86
CA GLY A 201 -2.51 2.07 -3.87
C GLY A 201 -3.00 1.37 -2.61
N ILE A 202 -4.32 1.15 -2.55
CA ILE A 202 -4.98 0.42 -1.45
C ILE A 202 -5.89 -0.61 -2.12
N VAL A 203 -5.80 -1.87 -1.68
CA VAL A 203 -6.66 -2.93 -2.23
C VAL A 203 -8.11 -2.55 -1.96
N SER A 204 -8.91 -2.42 -3.03
CA SER A 204 -10.30 -1.94 -2.89
C SER A 204 -11.40 -2.92 -3.30
N TRP A 205 -11.48 -3.25 -4.59
CA TRP A 205 -12.55 -4.16 -5.07
C TRP A 205 -12.26 -4.86 -6.38
N GLY A 206 -13.16 -5.78 -6.75
CA GLY A 206 -13.07 -6.50 -8.00
C GLY A 206 -14.34 -7.30 -8.23
N GLU A 207 -14.66 -7.57 -9.48
CA GLU A 207 -15.81 -8.43 -9.80
C GLU A 207 -15.30 -9.86 -9.66
N GLY A 208 -15.40 -10.39 -8.45
CA GLY A 208 -14.86 -11.71 -8.10
C GLY A 208 -13.35 -11.60 -7.95
N CYS A 209 -12.64 -12.73 -8.04
CA CYS A 209 -11.18 -12.73 -7.92
C CYS A 209 -10.55 -13.44 -9.10
N ALA A 210 -9.59 -12.78 -9.76
CA ALA A 210 -8.84 -13.33 -10.90
C ALA A 210 -9.67 -13.82 -12.10
N ARG A 211 -10.89 -13.29 -12.27
CA ARG A 211 -11.76 -13.71 -13.38
C ARG A 211 -11.23 -13.25 -14.74
N LYS A 212 -11.61 -13.96 -15.80
CA LYS A 212 -11.21 -13.60 -17.17
C LYS A 212 -11.83 -12.28 -17.63
N GLY A 213 -11.01 -11.40 -18.20
CA GLY A 213 -11.46 -10.10 -18.68
C GLY A 213 -11.75 -9.08 -17.60
N LYS A 214 -11.27 -9.34 -16.38
CA LYS A 214 -11.50 -8.45 -15.24
C LYS A 214 -10.19 -8.17 -14.50
N TYR A 215 -10.10 -6.96 -13.93
CA TYR A 215 -8.89 -6.51 -13.23
C TYR A 215 -9.14 -6.16 -11.75
N GLY A 216 -8.05 -5.98 -11.00
CA GLY A 216 -8.13 -5.55 -9.61
C GLY A 216 -8.23 -4.04 -9.53
N ILE A 217 -9.13 -3.52 -8.70
CA ILE A 217 -9.30 -2.07 -8.62
C ILE A 217 -8.75 -1.57 -7.27
N TYR A 218 -7.91 -0.54 -7.35
CA TYR A 218 -7.21 0.01 -6.20
C TYR A 218 -7.55 1.48 -6.00
N THR A 219 -7.59 1.91 -4.74
CA THR A 219 -7.80 3.31 -4.42
C THR A 219 -6.52 4.03 -4.87
N LYS A 220 -6.70 5.13 -5.61
CA LYS A 220 -5.61 5.95 -6.11
C LYS A 220 -5.05 6.87 -5.01
N VAL A 221 -4.05 6.36 -4.28
CA VAL A 221 -3.41 7.06 -3.16
C VAL A 221 -2.87 8.46 -3.50
N THR A 222 -2.31 8.63 -4.70
CA THR A 222 -1.75 9.93 -5.13
C THR A 222 -2.77 11.08 -5.16
N ALA A 223 -4.05 10.76 -5.29
CA ALA A 223 -5.12 11.76 -5.27
C ALA A 223 -5.50 12.17 -3.83
N PHE A 224 -5.01 11.41 -2.84
CA PHE A 224 -5.32 11.62 -1.42
C PHE A 224 -4.15 12.03 -0.52
N LEU A 225 -3.03 12.44 -1.12
CA LEU A 225 -1.84 12.79 -0.33
C LEU A 225 -2.02 13.97 0.64
N LYS A 226 -2.70 15.02 0.19
CA LYS A 226 -3.03 16.14 1.08
C LYS A 226 -3.96 15.67 2.20
N TRP A 227 -4.97 14.87 1.85
CA TRP A 227 -5.92 14.30 2.81
C TRP A 227 -5.21 13.46 3.89
N ILE A 228 -4.32 12.56 3.47
CA ILE A 228 -3.53 11.74 4.38
C ILE A 228 -2.68 12.64 5.30
N ASP A 229 -2.02 13.64 4.72
CA ASP A 229 -1.21 14.57 5.53
C ASP A 229 -2.04 15.25 6.61
N ARG A 230 -3.26 15.68 6.28
CA ARG A 230 -4.16 16.33 7.26
C ARG A 230 -4.56 15.35 8.39
N SER A 231 -4.93 14.13 7.99
CA SER A 231 -5.35 13.10 8.93
C SER A 231 -4.25 12.65 9.91
N MET A 232 -3.00 12.73 9.49
CA MET A 232 -1.87 12.30 10.32
C MET A 232 -1.40 13.37 11.33
N LYS A 233 -2.00 14.55 11.26
CA LYS A 233 -1.68 15.63 12.20
C LYS A 233 -2.84 15.82 13.18
N THR A 234 -3.86 14.98 13.02
CA THR A 234 -5.06 15.01 13.84
C THR A 234 -5.67 13.62 13.96
N LYS B 81 15.12 14.87 -21.42
CA LYS B 81 15.62 16.10 -20.75
C LYS B 81 15.18 16.20 -19.30
N LEU B 82 16.05 16.78 -18.48
CA LEU B 82 15.80 17.01 -17.05
C LEU B 82 15.24 15.76 -16.34
N CYS B 83 14.10 15.87 -15.66
CA CYS B 83 13.53 14.73 -14.92
C CYS B 83 13.15 13.53 -15.78
N SER B 84 12.98 13.75 -17.09
CA SER B 84 12.63 12.67 -18.02
C SER B 84 13.83 11.82 -18.43
N LEU B 85 15.03 12.33 -18.12
CA LEU B 85 16.28 11.62 -18.41
C LEU B 85 16.83 11.01 -17.12
N ASP B 86 16.58 9.71 -16.94
CA ASP B 86 17.04 8.92 -15.80
C ASP B 86 16.70 9.58 -14.43
N ASN B 87 15.45 10.01 -14.29
CA ASN B 87 14.98 10.66 -13.04
C ASN B 87 15.80 11.90 -12.62
N GLY B 88 16.48 12.51 -13.58
CA GLY B 88 17.33 13.67 -13.31
C GLY B 88 18.57 13.35 -12.45
N ASP B 89 18.91 12.08 -12.36
CA ASP B 89 20.03 11.53 -11.55
C ASP B 89 19.69 11.57 -10.02
N CYS B 90 18.44 11.88 -9.68
CA CYS B 90 17.97 11.90 -8.28
C CYS B 90 17.71 10.48 -7.74
N ASP B 91 18.01 10.25 -6.46
CA ASP B 91 17.69 8.99 -5.76
C ASP B 91 16.18 8.79 -5.63
N GLN B 92 15.46 9.86 -5.31
CA GLN B 92 14.00 9.81 -5.08
C GLN B 92 13.19 10.82 -5.92
N PHE B 93 12.63 11.86 -5.29
CA PHE B 93 11.78 12.83 -6.03
C PHE B 93 12.60 13.78 -6.93
N CYS B 94 12.07 14.06 -8.12
CA CYS B 94 12.67 14.99 -9.08
C CYS B 94 11.61 16.03 -9.46
N HIS B 95 12.03 17.30 -9.50
CA HIS B 95 11.19 18.43 -9.91
C HIS B 95 11.98 19.28 -10.90
N GLU B 96 11.27 19.87 -11.86
CA GLU B 96 11.90 20.77 -12.84
C GLU B 96 11.51 22.19 -12.45
N GLU B 97 12.52 22.99 -12.12
CA GLU B 97 12.28 24.36 -11.69
C GLU B 97 13.14 25.30 -12.50
N GLN B 98 12.47 26.13 -13.31
CA GLN B 98 13.13 27.07 -14.21
C GLN B 98 13.76 26.27 -15.35
N ASN B 99 15.09 26.20 -15.37
CA ASN B 99 15.79 25.46 -16.41
C ASN B 99 16.50 24.19 -15.89
N SER B 100 16.50 23.98 -14.57
CA SER B 100 17.24 22.85 -13.98
C SER B 100 16.49 21.86 -13.08
N VAL B 101 17.11 20.70 -12.88
CA VAL B 101 16.61 19.62 -12.03
C VAL B 101 16.83 19.94 -10.56
N VAL B 102 15.82 19.68 -9.73
CA VAL B 102 15.89 19.86 -8.29
C VAL B 102 15.43 18.56 -7.63
N CYS B 103 16.31 17.94 -6.84
CA CYS B 103 16.00 16.66 -6.18
C CYS B 103 15.54 16.87 -4.74
N SER B 104 14.71 15.95 -4.24
CA SER B 104 14.26 15.97 -2.84
C SER B 104 14.01 14.53 -2.35
N CYS B 105 13.72 14.38 -1.06
CA CYS B 105 13.58 13.07 -0.45
C CYS B 105 12.33 12.97 0.43
N ALA B 106 11.93 11.74 0.71
CA ALA B 106 10.77 11.47 1.57
C ALA B 106 11.05 11.84 3.02
N ARG B 107 10.00 11.99 3.82
CA ARG B 107 10.13 12.31 5.24
C ARG B 107 10.96 11.23 5.94
N GLY B 108 11.96 11.64 6.70
CA GLY B 108 12.86 10.70 7.37
C GLY B 108 14.20 10.54 6.66
N TYR B 109 14.38 11.29 5.57
CA TYR B 109 15.63 11.32 4.82
C TYR B 109 16.04 12.78 4.65
N THR B 110 17.33 13.04 4.47
CA THR B 110 17.81 14.39 4.13
C THR B 110 18.65 14.30 2.86
N LEU B 111 18.65 15.38 2.08
CA LEU B 111 19.38 15.40 0.82
C LEU B 111 20.88 15.54 1.10
N ALA B 112 21.69 14.71 0.44
CA ALA B 112 23.15 14.73 0.59
C ALA B 112 23.77 16.02 0.05
N ASP B 113 25.07 16.22 0.30
CA ASP B 113 25.80 17.41 -0.17
C ASP B 113 25.75 17.54 -1.69
N ASN B 114 25.77 16.42 -2.40
CA ASN B 114 25.73 16.43 -3.87
C ASN B 114 24.37 16.84 -4.47
N GLY B 115 23.39 17.09 -3.60
CA GLY B 115 22.04 17.50 -4.00
C GLY B 115 21.22 16.45 -4.73
N LYS B 116 21.62 15.19 -4.67
CA LYS B 116 20.95 14.11 -5.39
C LYS B 116 20.57 12.89 -4.54
N ALA B 117 21.52 12.39 -3.74
CA ALA B 117 21.31 11.23 -2.89
C ALA B 117 20.49 11.56 -1.65
N CYS B 118 19.80 10.54 -1.12
CA CYS B 118 18.97 10.67 0.08
C CYS B 118 19.57 9.86 1.25
N ILE B 119 19.74 10.51 2.39
CA ILE B 119 20.35 9.87 3.57
C ILE B 119 19.33 9.66 4.70
N PRO B 120 19.16 8.40 5.16
CA PRO B 120 18.24 8.10 6.28
C PRO B 120 18.68 8.78 7.57
N THR B 121 17.75 9.46 8.24
CA THR B 121 18.06 10.18 9.49
C THR B 121 18.16 9.27 10.71
N GLY B 122 17.56 8.08 10.64
CA GLY B 122 17.61 7.14 11.76
C GLY B 122 17.38 5.69 11.40
N PRO B 123 17.29 4.82 12.43
CA PRO B 123 17.04 3.39 12.17
C PRO B 123 15.66 3.16 11.53
N TYR B 124 15.56 2.08 10.75
CA TYR B 124 14.32 1.68 10.06
C TYR B 124 13.61 2.80 9.27
N PRO B 125 14.31 3.46 8.31
CA PRO B 125 13.72 4.52 7.48
C PRO B 125 12.60 3.96 6.61
N CYS B 126 11.69 4.81 6.15
CA CYS B 126 10.55 4.32 5.35
C CYS B 126 11.03 3.70 4.06
N GLY B 127 10.25 2.72 3.59
CA GLY B 127 10.48 2.10 2.28
C GLY B 127 11.65 1.14 2.10
N LYS B 128 12.34 0.77 3.18
CA LYS B 128 13.45 -0.18 3.08
C LYS B 128 13.07 -1.52 3.69
N GLN B 129 13.33 -2.59 2.93
CA GLN B 129 13.14 -3.95 3.45
C GLN B 129 14.10 -4.11 4.64
N THR B 130 13.70 -4.88 5.65
CA THR B 130 14.55 -5.03 6.85
C THR B 130 15.51 -6.21 6.78
N LEU B 131 16.77 -5.96 7.15
CA LEU B 131 17.81 -7.00 7.19
C LEU B 131 18.15 -7.39 8.64
N GLU B 132 17.95 -6.44 9.57
CA GLU B 132 18.22 -6.68 10.99
C GLU B 132 17.01 -6.35 11.86
CA CA C . 3.43 -15.78 13.44
C1 4O4 D . -18.67 -9.95 0.68
C2 4O4 D . -17.68 -8.97 0.10
C3 4O4 D . -17.32 -9.37 -1.30
O4 4O4 D . -17.68 -10.41 -1.81
C5 4O4 D . -16.46 -8.40 -2.06
N6 4O4 D . -15.77 -8.93 -3.26
C7 4O4 D . -16.28 -8.45 -4.57
C8 4O4 D . -17.63 -8.94 -5.03
C9 4O4 D . -18.38 -7.76 -5.61
N10 4O4 D . -17.50 -6.61 -5.35
C11 4O4 D . -17.65 -5.34 -6.03
C12 4O4 D . -18.17 -5.54 -7.45
C13 4O4 D . -18.66 -4.56 -5.23
O14 4O4 D . -19.42 -5.14 -4.46
N15 4O4 D . -18.70 -3.21 -5.36
C16 4O4 D . -17.83 -2.50 -6.31
C17 4O4 D . -17.69 -1.05 -5.96
O18 4O4 D . -18.99 -0.48 -5.84
C19 4O4 D . -19.68 -1.06 -4.74
C20 4O4 D . -19.95 -2.51 -5.07
C21 4O4 D . -16.32 -6.96 -4.74
O22 4O4 D . -15.42 -6.21 -4.38
S23 4O4 D . -14.43 -9.87 -3.23
O24 4O4 D . -14.52 -10.83 -4.31
O25 4O4 D . -14.28 -10.31 -1.86
C26 4O4 D . -13.01 -8.83 -3.59
C27 4O4 D . -12.66 -7.84 -2.69
C28 4O4 D . -11.57 -7.04 -2.99
C29 4O4 D . -10.85 -7.22 -4.15
C30 4O4 D . -9.76 -6.41 -4.43
C31 4O4 D . -9.05 -6.59 -5.60
CL1 4O4 D . -7.68 -5.58 -5.98
C33 4O4 D . -9.41 -7.59 -6.48
C34 4O4 D . -10.49 -8.40 -6.20
C35 4O4 D . -11.22 -8.21 -5.04
C36 4O4 D . -12.30 -9.03 -4.75
#